data_9J8C
#
_entry.id   9J8C
#
_cell.length_a   1.00
_cell.length_b   1.00
_cell.length_c   1.00
_cell.angle_alpha   90.00
_cell.angle_beta   90.00
_cell.angle_gamma   90.00
#
_symmetry.space_group_name_H-M   'P 1'
#
loop_
_entity.id
_entity.type
_entity.pdbx_description
1 polymer 'Isoform GlyT-1B of Sodium- and chloride-dependent glycine transporter 1'
2 non-polymer SARCOSINE
3 non-polymer CHOLESTEROL
4 non-polymer 'CHLORIDE ION'
5 non-polymer 'SODIUM ION'
6 water water
#
_entity_poly.entity_id   1
_entity_poly.type   'polypeptide(L)'
_entity_poly.pdbx_seq_one_letter_code
;MSGGDTRAAIARPRMAAAHGPVAPSSPEQNGAVPSEATKRDQNLKRGNWGNQIEFVLTSVGYAVGLGNVWRFPYLCYRNG
GGAFMFPYFIMLIFCGIPLFFMELSFGQFASQGCLGVWRISPMFKGVGYGMMVVSTYIGIYYNVVICIAFYYFFSSMTHV
LPWAYCNNPWNTHDCAGVLDASNLTNGSRPAALPSNLSHLLNHSLQRTSPSEEYWRLYVLKLSDDIGNFGEVRLPLLGCL
GVSWLVVFLCLIRGVKSSGKVVYFTATFPYVVLTILFVRGVTLEGAFDGIMYYLTPQWDKILEAKVWGDAASQIFYSLGC
AWGGLITMASYNKFHNNCYRDSVIISITNCATSVYAGFVIFSILGFMANHLGVDVSRVADHGPGLAFVAYPEALTLLPIS
PLWSLLFFFMLILLGLGTQFCLLETLVTAIVDEVGNEWILQKKTYVTLGVAVAGFLLGIPLTSQAGIYWLLLMDNYAASF
SLVVISCIMCVAIMYIYGHRNYFQDIQMMLGFPPPLFFQICWRFVSPAIIFFILVFTVIQYQPITYNHYQYPGWAVAIGF
LMALSSVLCIPLYAMFRLCRTDGDTLLQRLKNATKPSRDWGPALLEHRTGRYAPTIAPSPEDGFEVQPLHPDKAQIPIVG
SNGSSRLQDSRI
;
_entity_poly.pdbx_strand_id   A
#
# COMPACT_ATOMS: atom_id res chain seq x y z
N ARG A 46 16.42 10.92 -20.41
CA ARG A 46 15.41 10.71 -19.37
C ARG A 46 15.75 11.51 -18.11
N GLY A 47 17.01 11.40 -17.67
CA GLY A 47 17.44 12.08 -16.46
C GLY A 47 17.77 11.11 -15.35
N ASN A 48 19.06 10.86 -15.12
CA ASN A 48 19.47 9.87 -14.14
C ASN A 48 19.16 10.35 -12.73
N TRP A 49 19.09 9.40 -11.79
CA TRP A 49 18.81 9.73 -10.40
C TRP A 49 19.91 10.59 -9.80
N GLY A 50 21.14 10.40 -10.26
CA GLY A 50 22.27 11.10 -9.68
C GLY A 50 23.06 10.22 -8.75
N ASN A 51 22.87 10.40 -7.45
CA ASN A 51 23.50 9.57 -6.45
C ASN A 51 22.63 8.34 -6.16
N GLN A 52 23.30 7.23 -5.84
CA GLN A 52 22.61 5.97 -5.56
C GLN A 52 21.93 5.98 -4.20
N ILE A 53 22.59 6.55 -3.19
CA ILE A 53 22.06 6.63 -1.84
C ILE A 53 20.76 7.44 -1.89
N GLU A 54 20.71 8.41 -2.79
CA GLU A 54 19.47 9.18 -2.97
C GLU A 54 18.33 8.27 -3.41
N PHE A 55 18.59 7.36 -4.35
CA PHE A 55 17.56 6.42 -4.79
C PHE A 55 17.17 5.48 -3.66
N VAL A 56 18.15 4.97 -2.91
CA VAL A 56 17.82 4.05 -1.83
C VAL A 56 16.98 4.72 -0.75
N LEU A 57 17.30 5.97 -0.40
CA LEU A 57 16.52 6.70 0.60
C LEU A 57 15.14 7.11 0.09
N THR A 58 15.04 7.48 -1.19
CA THR A 58 13.75 7.83 -1.76
C THR A 58 12.84 6.62 -1.90
N SER A 59 13.40 5.43 -2.14
CA SER A 59 12.58 4.23 -2.24
C SER A 59 12.11 3.76 -0.87
N VAL A 60 12.94 3.93 0.16
CA VAL A 60 12.53 3.56 1.52
C VAL A 60 11.43 4.48 2.02
N GLY A 61 11.53 5.78 1.73
CA GLY A 61 10.50 6.72 2.15
C GLY A 61 9.17 6.53 1.45
N TYR A 62 9.15 5.94 0.27
CA TYR A 62 7.92 5.62 -0.45
C TYR A 62 7.34 4.28 -0.06
N ALA A 63 8.18 3.29 0.26
CA ALA A 63 7.69 1.98 0.64
C ALA A 63 7.12 1.98 2.05
N VAL A 64 7.74 2.71 2.97
CA VAL A 64 7.29 2.76 4.36
C VAL A 64 6.29 3.90 4.49
N GLY A 65 5.08 3.58 4.95
CA GLY A 65 4.03 4.57 5.08
C GLY A 65 2.93 4.16 6.04
N LEU A 66 1.69 4.47 5.70
CA LEU A 66 0.56 4.12 6.57
C LEU A 66 0.23 2.64 6.51
N GLY A 67 0.69 1.92 5.49
CA GLY A 67 0.48 0.49 5.44
C GLY A 67 1.32 -0.31 6.40
N ASN A 68 2.31 0.32 7.02
CA ASN A 68 3.16 -0.32 8.02
C ASN A 68 2.69 -0.11 9.45
N VAL A 69 2.06 1.04 9.73
CA VAL A 69 1.70 1.40 11.09
C VAL A 69 0.20 1.44 11.32
N TRP A 70 -0.62 1.49 10.27
CA TRP A 70 -2.07 1.54 10.41
C TRP A 70 -2.77 0.30 9.86
N ARG A 71 -2.35 -0.20 8.70
CA ARG A 71 -3.03 -1.32 8.05
C ARG A 71 -2.58 -2.67 8.58
N PHE A 72 -1.29 -2.85 8.82
CA PHE A 72 -0.79 -4.14 9.28
C PHE A 72 -1.37 -4.57 10.64
N PRO A 73 -1.37 -3.72 11.68
CA PRO A 73 -1.85 -4.21 12.99
C PRO A 73 -3.30 -4.67 12.99
N TYR A 74 -4.19 -3.99 12.29
CA TYR A 74 -5.60 -4.38 12.37
C TYR A 74 -5.89 -5.62 11.54
N LEU A 75 -5.21 -5.79 10.40
CA LEU A 75 -5.31 -7.05 9.67
C LEU A 75 -4.77 -8.21 10.50
N CYS A 76 -3.63 -8.00 11.15
CA CYS A 76 -3.07 -9.05 12.00
C CYS A 76 -4.00 -9.39 13.16
N TYR A 77 -4.63 -8.37 13.75
CA TYR A 77 -5.54 -8.61 14.87
C TYR A 77 -6.79 -9.35 14.42
N ARG A 78 -7.38 -8.97 13.28
CA ARG A 78 -8.60 -9.64 12.84
C ARG A 78 -8.31 -11.04 12.33
N ASN A 79 -7.08 -11.32 11.90
CA ASN A 79 -6.70 -12.66 11.48
C ASN A 79 -6.09 -13.48 12.61
N GLY A 80 -6.45 -13.18 13.86
CA GLY A 80 -6.12 -13.99 15.04
C GLY A 80 -4.63 -13.96 15.36
N GLY A 81 -3.99 -12.81 15.21
CA GLY A 81 -2.64 -12.60 15.68
C GLY A 81 -1.58 -13.54 15.11
N GLY A 82 -1.10 -14.46 15.95
CA GLY A 82 0.00 -15.33 15.57
C GLY A 82 -0.33 -16.29 14.44
N ALA A 83 -1.61 -16.54 14.18
CA ALA A 83 -2.01 -17.35 13.03
C ALA A 83 -1.78 -16.64 11.71
N PHE A 84 -1.48 -15.35 11.74
CA PHE A 84 -1.25 -14.54 10.55
C PHE A 84 0.23 -14.42 10.19
N MET A 85 1.13 -14.71 11.13
CA MET A 85 2.55 -14.44 10.93
C MET A 85 3.20 -15.43 9.98
N PHE A 86 2.90 -16.72 10.13
CA PHE A 86 3.55 -17.74 9.31
C PHE A 86 3.21 -17.58 7.82
N PRO A 87 1.93 -17.45 7.41
CA PRO A 87 1.67 -17.15 6.00
C PRO A 87 2.30 -15.85 5.54
N TYR A 88 2.38 -14.85 6.43
CA TYR A 88 2.97 -13.57 6.07
C TYR A 88 4.44 -13.73 5.71
N PHE A 89 5.19 -14.45 6.55
CA PHE A 89 6.61 -14.66 6.28
C PHE A 89 6.83 -15.54 5.06
N ILE A 90 5.99 -16.58 4.89
CA ILE A 90 6.12 -17.43 3.71
C ILE A 90 5.88 -16.63 2.44
N MET A 91 4.84 -15.79 2.45
CA MET A 91 4.56 -14.94 1.30
C MET A 91 5.72 -13.98 1.02
N LEU A 92 6.26 -13.35 2.06
CA LEU A 92 7.37 -12.44 1.88
C LEU A 92 8.57 -13.13 1.26
N ILE A 93 8.90 -14.33 1.74
CA ILE A 93 10.10 -15.02 1.26
C ILE A 93 9.90 -15.48 -0.18
N PHE A 94 8.72 -16.01 -0.52
CA PHE A 94 8.58 -16.74 -1.78
C PHE A 94 7.86 -15.98 -2.88
N CYS A 95 7.23 -14.84 -2.60
CA CYS A 95 6.52 -14.13 -3.67
C CYS A 95 6.87 -12.66 -3.74
N GLY A 96 7.11 -12.01 -2.60
CA GLY A 96 7.31 -10.57 -2.58
C GLY A 96 8.64 -10.10 -3.11
N ILE A 97 9.74 -10.63 -2.57
CA ILE A 97 11.07 -10.21 -3.01
C ILE A 97 11.32 -10.55 -4.48
N PRO A 98 11.03 -11.76 -4.98
CA PRO A 98 11.26 -12.01 -6.42
C PRO A 98 10.51 -11.05 -7.34
N LEU A 99 9.27 -10.71 -7.01
CA LEU A 99 8.51 -9.79 -7.86
C LEU A 99 9.02 -8.36 -7.73
N PHE A 100 9.49 -7.98 -6.54
CA PHE A 100 10.14 -6.69 -6.34
C PHE A 100 11.37 -6.57 -7.24
N PHE A 101 12.21 -7.62 -7.25
CA PHE A 101 13.40 -7.61 -8.10
C PHE A 101 13.02 -7.59 -9.58
N MET A 102 12.00 -8.36 -9.95
CA MET A 102 11.54 -8.37 -11.34
C MET A 102 11.10 -6.98 -11.78
N GLU A 103 10.32 -6.30 -10.94
CA GLU A 103 9.86 -4.96 -11.29
C GLU A 103 11.01 -3.97 -11.38
N LEU A 104 11.95 -4.01 -10.45
CA LEU A 104 13.09 -3.09 -10.51
C LEU A 104 13.91 -3.31 -11.76
N SER A 105 14.20 -4.57 -12.10
CA SER A 105 14.98 -4.85 -13.29
C SER A 105 14.22 -4.45 -14.56
N PHE A 106 12.92 -4.69 -14.59
CA PHE A 106 12.09 -4.30 -15.73
C PHE A 106 12.16 -2.80 -15.94
N GLY A 107 12.03 -2.03 -14.86
CA GLY A 107 12.13 -0.58 -14.98
C GLY A 107 13.50 -0.12 -15.41
N GLN A 108 14.55 -0.73 -14.87
CA GLN A 108 15.91 -0.24 -15.13
C GLN A 108 16.36 -0.57 -16.55
N PHE A 109 16.02 -1.75 -17.07
CA PHE A 109 16.57 -2.17 -18.35
C PHE A 109 16.09 -1.28 -19.50
N ALA A 110 14.80 -0.98 -19.55
CA ALA A 110 14.23 -0.25 -20.67
C ALA A 110 14.24 1.27 -20.47
N SER A 111 14.44 1.75 -19.25
CA SER A 111 14.38 3.17 -18.93
C SER A 111 13.03 3.77 -19.32
N GLN A 112 11.95 3.09 -18.95
CA GLN A 112 10.60 3.54 -19.24
C GLN A 112 9.73 3.37 -18.00
N GLY A 113 8.61 4.09 -17.98
CA GLY A 113 7.67 4.04 -16.88
C GLY A 113 6.80 2.81 -16.90
N CYS A 114 5.72 2.86 -16.12
CA CYS A 114 4.84 1.70 -15.98
C CYS A 114 4.06 1.39 -17.25
N LEU A 115 3.94 2.35 -18.17
CA LEU A 115 3.23 2.11 -19.41
C LEU A 115 4.15 1.95 -20.62
N GLY A 116 5.36 2.48 -20.56
CA GLY A 116 6.30 2.37 -21.66
C GLY A 116 7.13 1.11 -21.70
N VAL A 117 7.14 0.34 -20.60
CA VAL A 117 7.91 -0.90 -20.57
C VAL A 117 7.28 -2.00 -21.42
N TRP A 118 6.04 -1.82 -21.85
CA TRP A 118 5.30 -2.85 -22.58
C TRP A 118 5.55 -2.81 -24.08
N ARG A 119 6.67 -2.23 -24.50
CA ARG A 119 7.18 -2.49 -25.84
C ARG A 119 7.67 -3.92 -25.99
N ILE A 120 7.92 -4.60 -24.87
CA ILE A 120 8.31 -6.00 -24.89
C ILE A 120 7.18 -6.87 -25.42
N SER A 121 5.93 -6.48 -25.12
CA SER A 121 4.76 -7.17 -25.65
C SER A 121 3.65 -6.14 -25.72
N PRO A 122 3.39 -5.58 -26.90
CA PRO A 122 2.41 -4.48 -27.00
C PRO A 122 1.00 -4.86 -26.60
N MET A 123 0.67 -6.15 -26.55
CA MET A 123 -0.68 -6.60 -26.25
C MET A 123 -1.00 -6.64 -24.76
N PHE A 124 -0.04 -6.29 -23.90
CA PHE A 124 -0.22 -6.39 -22.45
C PHE A 124 -0.12 -5.03 -21.76
N LYS A 125 -0.57 -3.96 -22.42
CA LYS A 125 -0.60 -2.65 -21.78
C LYS A 125 -1.72 -2.52 -20.76
N GLY A 126 -2.67 -3.45 -20.77
CA GLY A 126 -3.69 -3.47 -19.74
C GLY A 126 -3.13 -3.66 -18.35
N VAL A 127 -1.94 -4.25 -18.24
CA VAL A 127 -1.28 -4.39 -16.94
C VAL A 127 -0.97 -3.02 -16.37
N GLY A 128 -0.35 -2.15 -17.17
CA GLY A 128 -0.06 -0.80 -16.72
C GLY A 128 -1.32 0.01 -16.47
N TYR A 129 -2.34 -0.18 -17.33
CA TYR A 129 -3.59 0.55 -17.12
C TYR A 129 -4.27 0.14 -15.82
N GLY A 130 -4.27 -1.16 -15.50
CA GLY A 130 -4.80 -1.61 -14.23
C GLY A 130 -3.98 -1.10 -13.05
N MET A 131 -2.66 -1.00 -13.23
CA MET A 131 -1.82 -0.42 -12.19
C MET A 131 -2.24 1.01 -11.91
N MET A 132 -2.49 1.80 -12.96
CA MET A 132 -2.96 3.18 -12.78
C MET A 132 -4.31 3.22 -12.08
N VAL A 133 -5.22 2.33 -12.46
CA VAL A 133 -6.54 2.30 -11.82
C VAL A 133 -6.42 2.02 -10.34
N VAL A 134 -5.60 1.04 -9.98
CA VAL A 134 -5.40 0.70 -8.57
C VAL A 134 -4.77 1.87 -7.83
N SER A 135 -3.81 2.55 -8.45
CA SER A 135 -3.18 3.70 -7.82
C SER A 135 -4.19 4.80 -7.53
N THR A 136 -5.09 5.08 -8.48
CA THR A 136 -6.13 6.07 -8.26
C THR A 136 -7.04 5.68 -7.11
N TYR A 137 -7.47 4.40 -7.09
CA TYR A 137 -8.33 3.93 -6.02
C TYR A 137 -7.67 4.11 -4.66
N ILE A 138 -6.39 3.75 -4.54
CA ILE A 138 -5.69 3.87 -3.26
C ILE A 138 -5.55 5.33 -2.86
N GLY A 139 -5.16 6.18 -3.81
CA GLY A 139 -4.89 7.57 -3.49
C GLY A 139 -6.13 8.37 -3.14
N ILE A 140 -7.31 7.87 -3.50
CA ILE A 140 -8.55 8.55 -3.10
C ILE A 140 -8.68 8.56 -1.57
N TYR A 141 -8.47 7.41 -0.91
CA TYR A 141 -8.72 7.29 0.52
C TYR A 141 -7.45 7.38 1.38
N TYR A 142 -6.26 7.27 0.78
CA TYR A 142 -5.04 7.51 1.54
C TYR A 142 -5.06 8.90 2.17
N ASN A 143 -5.51 9.91 1.42
CA ASN A 143 -5.55 11.26 1.94
C ASN A 143 -6.63 11.42 3.00
N VAL A 144 -7.69 10.62 2.96
CA VAL A 144 -8.67 10.64 4.04
C VAL A 144 -8.05 10.13 5.33
N VAL A 145 -7.27 9.06 5.25
CA VAL A 145 -6.56 8.60 6.45
C VAL A 145 -5.59 9.67 6.95
N ILE A 146 -4.88 10.31 6.03
CA ILE A 146 -3.95 11.38 6.41
C ILE A 146 -4.69 12.53 7.07
N CYS A 147 -5.90 12.85 6.60
CA CYS A 147 -6.67 13.93 7.19
C CYS A 147 -7.19 13.57 8.57
N ILE A 148 -7.54 12.30 8.81
CA ILE A 148 -7.87 11.88 10.17
C ILE A 148 -6.66 12.06 11.09
N ALA A 149 -5.47 11.70 10.59
CA ALA A 149 -4.25 11.92 11.37
C ALA A 149 -4.05 13.42 11.64
N PHE A 150 -4.33 14.26 10.65
CA PHE A 150 -4.24 15.72 10.84
C PHE A 150 -5.19 16.19 11.94
N TYR A 151 -6.41 15.68 11.93
CA TYR A 151 -7.39 16.06 12.95
C TYR A 151 -6.91 15.65 14.34
N TYR A 152 -6.34 14.45 14.46
CA TYR A 152 -5.81 14.04 15.76
C TYR A 152 -4.61 14.88 16.17
N PHE A 153 -3.80 15.31 15.21
CA PHE A 153 -2.66 16.18 15.52
C PHE A 153 -3.11 17.55 16.00
N PHE A 154 -4.17 18.10 15.40
CA PHE A 154 -4.62 19.44 15.77
C PHE A 154 -5.26 19.46 17.15
N SER A 155 -5.79 18.34 17.62
CA SER A 155 -6.43 18.26 18.92
C SER A 155 -5.46 17.98 20.06
N SER A 156 -4.17 17.81 19.76
CA SER A 156 -3.15 17.58 20.76
C SER A 156 -2.53 18.87 21.29
N MET A 157 -2.91 20.02 20.74
CA MET A 157 -2.35 21.31 21.17
C MET A 157 -3.15 21.88 22.33
N THR A 158 -3.02 21.23 23.49
CA THR A 158 -3.73 21.62 24.69
C THR A 158 -2.91 21.21 25.90
N HIS A 159 -3.48 21.38 27.09
CA HIS A 159 -2.81 21.01 28.33
C HIS A 159 -3.21 19.61 28.81
N VAL A 160 -4.43 19.19 28.55
CA VAL A 160 -4.92 17.87 28.92
C VAL A 160 -5.55 17.23 27.69
N LEU A 161 -5.14 16.01 27.37
CA LEU A 161 -5.66 15.34 26.19
C LEU A 161 -7.15 15.08 26.35
N PRO A 162 -7.94 15.26 25.28
CA PRO A 162 -9.40 15.08 25.40
C PRO A 162 -9.85 13.64 25.51
N TRP A 163 -8.96 12.67 25.31
CA TRP A 163 -9.30 11.25 25.38
C TRP A 163 -8.69 10.58 26.61
N ALA A 164 -8.35 11.36 27.63
CA ALA A 164 -7.66 10.84 28.80
C ALA A 164 -8.58 10.57 29.98
N TYR A 165 -9.74 11.21 30.04
CA TYR A 165 -10.66 11.06 31.16
C TYR A 165 -12.04 10.65 30.64
N CYS A 166 -12.97 10.44 31.58
CA CYS A 166 -14.25 9.83 31.26
C CYS A 166 -15.43 10.74 31.60
N ASN A 167 -15.17 12.03 31.83
CA ASN A 167 -16.21 12.96 32.27
C ASN A 167 -16.64 13.94 31.17
N ASN A 168 -16.26 13.69 29.92
CA ASN A 168 -16.62 14.58 28.83
C ASN A 168 -18.11 14.48 28.51
N PRO A 169 -18.67 15.50 27.86
CA PRO A 169 -20.12 15.47 27.54
C PRO A 169 -20.55 14.30 26.68
N TRP A 170 -19.67 13.77 25.83
CA TRP A 170 -20.04 12.66 24.94
C TRP A 170 -19.85 11.29 25.59
N ASN A 171 -19.29 11.23 26.79
CA ASN A 171 -19.09 9.95 27.47
C ASN A 171 -20.41 9.43 28.05
N THR A 172 -20.45 8.11 28.26
CA THR A 172 -21.62 7.43 28.80
C THR A 172 -21.26 6.80 30.14
N HIS A 173 -22.21 6.05 30.69
CA HIS A 173 -22.02 5.40 31.98
C HIS A 173 -21.17 4.14 31.91
N ASP A 174 -20.92 3.62 30.70
CA ASP A 174 -20.03 2.49 30.52
C ASP A 174 -18.56 2.89 30.47
N CYS A 175 -18.27 4.18 30.54
CA CYS A 175 -16.89 4.66 30.46
C CYS A 175 -16.09 4.15 31.65
N ALA A 176 -14.87 3.67 31.37
CA ALA A 176 -13.97 3.16 32.40
C ALA A 176 -12.54 3.50 32.01
N GLY A 177 -11.82 4.23 32.84
CA GLY A 177 -10.47 4.63 32.47
C GLY A 177 -9.39 4.51 33.52
N VAL A 178 -8.15 4.29 33.12
CA VAL A 178 -7.04 4.09 34.06
C VAL A 178 -6.46 5.34 34.68
N LEU A 179 -6.92 6.51 34.26
CA LEU A 179 -6.43 7.79 34.77
C LEU A 179 -5.02 8.11 34.28
N ARG A 207 -17.32 -3.18 29.84
CA ARG A 207 -16.79 -1.83 30.00
C ARG A 207 -16.31 -1.27 28.68
N THR A 208 -15.90 0.00 28.69
CA THR A 208 -15.48 0.71 27.49
C THR A 208 -14.26 1.56 27.80
N SER A 209 -13.51 1.90 26.76
CA SER A 209 -12.32 2.72 26.90
C SER A 209 -12.60 4.17 26.50
N PRO A 210 -12.02 5.14 27.20
CA PRO A 210 -12.24 6.55 26.80
C PRO A 210 -11.76 6.85 25.39
N SER A 211 -10.66 6.23 24.97
CA SER A 211 -10.12 6.49 23.63
C SER A 211 -11.09 6.03 22.55
N GLU A 212 -11.69 4.85 22.72
CA GLU A 212 -12.62 4.37 21.71
C GLU A 212 -13.92 5.16 21.70
N GLU A 213 -14.38 5.61 22.88
CA GLU A 213 -15.54 6.49 22.92
C GLU A 213 -15.26 7.81 22.22
N TYR A 214 -14.06 8.36 22.42
CA TYR A 214 -13.67 9.57 21.70
C TYR A 214 -13.65 9.32 20.19
N TRP A 215 -13.11 8.18 19.77
CA TRP A 215 -13.02 7.86 18.35
C TRP A 215 -14.40 7.69 17.72
N ARG A 216 -15.32 7.04 18.44
CA ARG A 216 -16.61 6.68 17.84
C ARG A 216 -17.64 7.80 17.96
N LEU A 217 -17.81 8.34 19.17
CA LEU A 217 -18.90 9.25 19.45
C LEU A 217 -18.56 10.72 19.20
N TYR A 218 -17.30 11.06 19.02
CA TYR A 218 -16.97 12.47 18.83
C TYR A 218 -16.26 12.76 17.53
N VAL A 219 -15.26 11.96 17.14
CA VAL A 219 -14.51 12.23 15.92
C VAL A 219 -15.35 11.88 14.69
N LEU A 220 -15.99 10.72 14.69
CA LEU A 220 -16.74 10.24 13.54
C LEU A 220 -18.24 10.46 13.64
N LYS A 221 -18.82 10.35 14.84
CA LYS A 221 -20.27 10.31 15.02
C LYS A 221 -20.88 9.25 14.10
N LEU A 222 -20.41 8.01 14.28
CA LEU A 222 -20.68 6.93 13.35
C LEU A 222 -22.18 6.63 13.27
N SER A 223 -22.64 6.30 12.07
CA SER A 223 -24.01 5.92 11.82
C SER A 223 -24.18 4.43 12.11
N ASP A 224 -25.38 3.90 11.83
CA ASP A 224 -25.67 2.50 12.08
C ASP A 224 -25.66 1.63 10.83
N ASP A 225 -25.66 2.24 9.65
CA ASP A 225 -25.68 1.51 8.40
C ASP A 225 -24.84 2.26 7.36
N ILE A 226 -24.37 1.51 6.36
CA ILE A 226 -23.62 2.13 5.28
C ILE A 226 -24.53 3.03 4.45
N GLY A 227 -25.82 2.74 4.38
CA GLY A 227 -26.76 3.53 3.62
C GLY A 227 -27.32 4.76 4.32
N ASN A 228 -26.91 5.01 5.56
CA ASN A 228 -27.35 6.18 6.31
C ASN A 228 -26.24 7.23 6.21
N PHE A 229 -26.37 8.09 5.21
CA PHE A 229 -25.32 9.08 4.94
C PHE A 229 -25.16 10.06 6.09
N GLY A 230 -26.28 10.55 6.64
CA GLY A 230 -26.19 11.53 7.70
C GLY A 230 -25.72 12.87 7.17
N GLU A 231 -24.93 13.57 7.97
CA GLU A 231 -24.38 14.87 7.63
C GLU A 231 -22.88 14.76 7.36
N VAL A 232 -22.32 15.85 6.84
CA VAL A 232 -20.91 15.92 6.52
C VAL A 232 -20.17 16.58 7.69
N ARG A 233 -19.08 15.95 8.12
CA ARG A 233 -18.30 16.44 9.25
C ARG A 233 -17.38 17.56 8.76
N LEU A 234 -17.67 18.79 9.21
CA LEU A 234 -16.91 19.94 8.75
C LEU A 234 -15.43 19.91 9.11
N PRO A 235 -15.02 19.62 10.35
CA PRO A 235 -13.58 19.58 10.64
C PRO A 235 -12.82 18.59 9.80
N LEU A 236 -13.41 17.43 9.50
CA LEU A 236 -12.74 16.45 8.64
C LEU A 236 -12.59 16.98 7.22
N LEU A 237 -13.61 17.68 6.72
CA LEU A 237 -13.50 18.29 5.39
C LEU A 237 -12.41 19.35 5.35
N GLY A 238 -12.31 20.16 6.40
CA GLY A 238 -11.24 21.14 6.47
C GLY A 238 -9.86 20.51 6.50
N CYS A 239 -9.71 19.44 7.28
CA CYS A 239 -8.44 18.72 7.33
C CYS A 239 -8.09 18.12 5.97
N LEU A 240 -9.09 17.55 5.28
CA LEU A 240 -8.86 17.00 3.95
C LEU A 240 -8.41 18.07 2.96
N GLY A 241 -9.08 19.23 3.00
CA GLY A 241 -8.66 20.33 2.13
C GLY A 241 -7.24 20.79 2.41
N VAL A 242 -6.89 20.90 3.69
CA VAL A 242 -5.53 21.32 4.06
C VAL A 242 -4.51 20.29 3.56
N SER A 243 -4.81 19.00 3.71
CA SER A 243 -3.89 17.96 3.28
C SER A 243 -3.69 18.00 1.76
N TRP A 244 -4.78 18.14 1.00
CA TRP A 244 -4.64 18.19 -0.45
C TRP A 244 -3.89 19.43 -0.91
N LEU A 245 -4.15 20.57 -0.25
CA LEU A 245 -3.42 21.79 -0.60
C LEU A 245 -1.93 21.65 -0.32
N VAL A 246 -1.58 21.04 0.81
CA VAL A 246 -0.18 20.82 1.15
C VAL A 246 0.48 19.93 0.11
N VAL A 247 -0.18 18.84 -0.27
CA VAL A 247 0.39 17.93 -1.27
C VAL A 247 0.60 18.66 -2.59
N PHE A 248 -0.40 19.43 -3.03
CA PHE A 248 -0.29 20.14 -4.31
C PHE A 248 0.86 21.15 -4.29
N LEU A 249 0.97 21.93 -3.22
CA LEU A 249 2.03 22.94 -3.15
C LEU A 249 3.40 22.28 -3.12
N CYS A 250 3.57 21.22 -2.33
CA CYS A 250 4.84 20.54 -2.27
C CYS A 250 5.22 19.93 -3.62
N LEU A 251 4.24 19.41 -4.36
CA LEU A 251 4.52 18.82 -5.65
C LEU A 251 4.92 19.88 -6.68
N ILE A 252 4.22 21.00 -6.71
CA ILE A 252 4.47 21.99 -7.76
C ILE A 252 5.60 22.94 -7.39
N ARG A 253 6.13 22.82 -6.16
CA ARG A 253 7.30 23.61 -5.78
C ARG A 253 8.50 22.69 -5.56
N GLY A 254 8.30 21.40 -5.85
CA GLY A 254 9.37 20.42 -5.83
C GLY A 254 10.10 20.28 -4.50
N VAL A 255 9.39 19.81 -3.48
CA VAL A 255 9.97 19.66 -2.15
C VAL A 255 10.88 18.44 -2.02
N LYS A 256 10.49 17.29 -2.56
CA LYS A 256 11.25 16.06 -2.36
C LYS A 256 12.26 15.80 -3.47
N SER A 257 11.88 16.02 -4.73
CA SER A 257 12.76 15.74 -5.86
C SER A 257 14.06 16.53 -5.74
N SER A 258 13.97 17.86 -5.76
CA SER A 258 15.12 18.71 -5.49
C SER A 258 15.07 19.20 -4.04
N GLY A 259 15.20 18.27 -3.09
CA GLY A 259 15.09 18.62 -1.69
C GLY A 259 15.85 17.66 -0.81
N LYS A 260 15.99 18.05 0.45
CA LYS A 260 16.75 17.29 1.44
C LYS A 260 15.83 16.90 2.60
N VAL A 261 16.42 16.43 3.70
CA VAL A 261 15.81 16.08 4.98
C VAL A 261 14.89 14.91 4.64
N VAL A 262 15.39 14.01 3.76
CA VAL A 262 14.79 12.69 3.60
C VAL A 262 15.48 11.80 4.62
N TYR A 263 16.68 12.16 5.04
CA TYR A 263 17.36 11.43 6.11
C TYR A 263 16.61 11.55 7.43
N PHE A 264 16.18 12.77 7.78
CA PHE A 264 15.40 12.94 9.00
C PHE A 264 14.04 12.27 8.90
N THR A 265 13.40 12.36 7.73
CA THR A 265 12.10 11.71 7.53
C THR A 265 12.26 10.20 7.34
N ALA A 266 13.46 9.69 7.55
CA ALA A 266 13.70 8.25 7.52
C ALA A 266 14.21 7.78 8.88
N THR A 267 14.76 8.70 9.67
CA THR A 267 15.29 8.37 10.99
C THR A 267 14.31 8.64 12.12
N PHE A 268 13.43 9.64 11.99
CA PHE A 268 12.50 10.03 13.03
C PHE A 268 11.52 8.92 13.45
N PRO A 269 10.88 8.20 12.51
CA PRO A 269 9.90 7.20 12.92
C PRO A 269 10.47 6.12 13.83
N TYR A 270 11.71 5.70 13.61
CA TYR A 270 12.30 4.66 14.45
C TYR A 270 12.56 5.18 15.85
N VAL A 271 12.95 6.44 15.99
CA VAL A 271 13.12 7.03 17.32
C VAL A 271 11.79 7.08 18.05
N VAL A 272 10.73 7.52 17.35
CA VAL A 272 9.42 7.59 18.00
C VAL A 272 8.95 6.20 18.42
N LEU A 273 9.11 5.21 17.54
CA LEU A 273 8.70 3.85 17.86
C LEU A 273 9.50 3.26 19.01
N THR A 274 10.81 3.55 19.07
CA THR A 274 11.63 3.07 20.17
C THR A 274 11.19 3.72 21.49
N ILE A 275 10.84 5.01 21.46
CA ILE A 275 10.36 5.66 22.66
C ILE A 275 9.05 5.02 23.12
N LEU A 276 8.14 4.73 22.19
CA LEU A 276 6.88 4.09 22.57
C LEU A 276 7.08 2.64 22.99
N PHE A 277 8.15 2.00 22.55
CA PHE A 277 8.34 0.58 22.79
C PHE A 277 8.72 0.28 24.24
N VAL A 278 9.61 1.10 24.81
CA VAL A 278 10.13 0.83 26.15
C VAL A 278 9.00 0.91 27.17
N ARG A 279 8.10 1.88 27.02
CA ARG A 279 7.01 2.02 27.98
C ARG A 279 6.04 0.85 27.90
N GLY A 280 5.80 0.33 26.69
CA GLY A 280 4.83 -0.74 26.54
C GLY A 280 5.25 -2.02 27.21
N VAL A 281 6.54 -2.38 27.10
CA VAL A 281 7.04 -3.61 27.68
C VAL A 281 6.93 -3.59 29.21
N THR A 282 7.24 -2.45 29.83
CA THR A 282 7.18 -2.30 31.28
C THR A 282 5.77 -2.50 31.84
N LEU A 283 4.73 -2.26 31.05
CA LEU A 283 3.35 -2.32 31.52
C LEU A 283 3.02 -3.71 32.05
N GLU A 284 1.89 -3.77 32.76
CA GLU A 284 1.40 -5.02 33.34
C GLU A 284 0.43 -5.67 32.37
N GLY A 285 0.66 -6.94 32.04
CA GLY A 285 -0.16 -7.65 31.10
C GLY A 285 0.30 -7.59 29.66
N ALA A 286 1.41 -6.92 29.37
CA ALA A 286 1.92 -6.86 28.00
C ALA A 286 2.49 -8.19 27.55
N PHE A 287 2.95 -9.03 28.48
CA PHE A 287 3.52 -10.32 28.12
C PHE A 287 2.47 -11.21 27.46
N ASP A 288 1.24 -11.20 27.97
CA ASP A 288 0.17 -11.97 27.35
C ASP A 288 -0.13 -11.50 25.94
N GLY A 289 -0.13 -10.19 25.71
CA GLY A 289 -0.31 -9.64 24.38
C GLY A 289 0.79 -10.08 23.44
N ILE A 290 2.04 -10.04 23.91
CA ILE A 290 3.16 -10.47 23.07
C ILE A 290 3.04 -11.96 22.74
N MET A 291 2.69 -12.78 23.73
CA MET A 291 2.53 -14.22 23.47
C MET A 291 1.41 -14.48 22.47
N TYR A 292 0.29 -13.77 22.60
CA TYR A 292 -0.78 -13.91 21.61
C TYR A 292 -0.31 -13.45 20.23
N TYR A 293 0.57 -12.46 20.19
CA TYR A 293 1.11 -11.97 18.92
C TYR A 293 2.03 -12.99 18.26
N LEU A 294 2.79 -13.75 19.06
CA LEU A 294 3.83 -14.62 18.51
C LEU A 294 3.42 -16.08 18.41
N THR A 295 2.55 -16.57 19.28
CA THR A 295 2.22 -17.99 19.29
C THR A 295 1.43 -18.36 18.04
N PRO A 296 1.84 -19.38 17.29
CA PRO A 296 1.13 -19.76 16.07
C PRO A 296 0.01 -20.77 16.33
N GLN A 297 -1.08 -20.59 15.60
CA GLN A 297 -2.22 -21.52 15.63
C GLN A 297 -2.24 -22.29 14.32
N TRP A 298 -2.22 -23.61 14.41
CA TRP A 298 -2.12 -24.47 13.24
C TRP A 298 -3.47 -24.88 12.68
N ASP A 299 -4.57 -24.50 13.32
CA ASP A 299 -5.91 -24.84 12.86
C ASP A 299 -6.39 -23.94 11.73
N LYS A 300 -6.09 -22.64 11.80
CA LYS A 300 -6.55 -21.67 10.83
C LYS A 300 -5.68 -21.61 9.59
N ILE A 301 -4.60 -22.40 9.54
CA ILE A 301 -3.72 -22.39 8.38
C ILE A 301 -4.36 -23.02 7.15
N LEU A 302 -5.28 -23.98 7.33
CA LEU A 302 -5.97 -24.60 6.21
C LEU A 302 -7.19 -23.79 5.76
N GLU A 303 -7.01 -22.51 5.50
CA GLU A 303 -8.06 -21.62 5.03
C GLU A 303 -7.49 -20.64 4.03
N ALA A 304 -8.19 -20.45 2.92
CA ALA A 304 -7.73 -19.56 1.86
C ALA A 304 -7.90 -18.09 2.19
N LYS A 305 -8.65 -17.77 3.26
CA LYS A 305 -8.88 -16.36 3.59
C LYS A 305 -7.65 -15.72 4.20
N VAL A 306 -6.97 -16.41 5.12
CA VAL A 306 -5.81 -15.84 5.77
C VAL A 306 -4.64 -15.72 4.80
N TRP A 307 -4.48 -16.70 3.91
CA TRP A 307 -3.41 -16.63 2.93
C TRP A 307 -3.60 -15.46 1.96
N GLY A 308 -4.85 -15.24 1.53
CA GLY A 308 -5.13 -14.11 0.67
C GLY A 308 -4.89 -12.78 1.36
N ASP A 309 -5.25 -12.69 2.63
CA ASP A 309 -4.99 -11.48 3.41
C ASP A 309 -3.50 -11.23 3.54
N ALA A 310 -2.71 -12.28 3.80
CA ALA A 310 -1.27 -12.12 3.92
C ALA A 310 -0.65 -11.68 2.60
N ALA A 311 -1.09 -12.28 1.48
CA ALA A 311 -0.58 -11.87 0.19
C ALA A 311 -0.95 -10.42 -0.14
N SER A 312 -2.18 -10.03 0.19
CA SER A 312 -2.61 -8.66 -0.04
C SER A 312 -1.76 -7.68 0.77
N GLN A 313 -1.52 -7.99 2.04
CA GLN A 313 -0.71 -7.11 2.87
C GLN A 313 0.72 -7.01 2.36
N ILE A 314 1.30 -8.14 1.93
CA ILE A 314 2.68 -8.12 1.42
C ILE A 314 2.77 -7.29 0.15
N PHE A 315 1.81 -7.44 -0.76
CA PHE A 315 1.88 -6.70 -2.02
C PHE A 315 1.52 -5.23 -1.83
N TYR A 316 0.68 -4.91 -0.84
CA TYR A 316 0.33 -3.52 -0.58
C TYR A 316 1.48 -2.78 0.10
N SER A 317 2.17 -3.44 1.03
CA SER A 317 3.23 -2.77 1.77
C SER A 317 4.44 -2.45 0.89
N LEU A 318 4.72 -3.28 -0.11
CA LEU A 318 5.85 -3.06 -0.99
C LEU A 318 5.52 -2.23 -2.21
N GLY A 319 4.24 -1.99 -2.49
CA GLY A 319 3.85 -1.26 -3.68
C GLY A 319 4.10 -2.00 -4.97
N CYS A 320 3.75 -3.30 -5.03
CA CYS A 320 4.14 -4.13 -6.16
C CYS A 320 3.39 -3.73 -7.43
N ALA A 321 2.08 -3.57 -7.37
CA ALA A 321 1.28 -3.28 -8.55
C ALA A 321 0.74 -1.85 -8.53
N TRP A 322 1.49 -0.93 -7.92
CA TRP A 322 1.10 0.47 -7.88
C TRP A 322 1.58 1.22 -9.11
N GLY A 323 2.65 0.76 -9.76
CA GLY A 323 3.21 1.42 -10.91
C GLY A 323 4.33 2.41 -10.61
N GLY A 324 4.57 2.71 -9.34
CA GLY A 324 5.60 3.67 -8.99
C GLY A 324 7.00 3.10 -9.02
N LEU A 325 7.14 1.79 -8.80
CA LEU A 325 8.46 1.17 -8.78
C LEU A 325 9.12 1.23 -10.16
N ILE A 326 8.36 0.94 -11.21
CA ILE A 326 8.92 0.99 -12.57
C ILE A 326 9.32 2.41 -12.94
N THR A 327 8.46 3.39 -12.60
CA THR A 327 8.78 4.78 -12.91
C THR A 327 10.01 5.24 -12.14
N MET A 328 10.13 4.86 -10.87
CA MET A 328 11.31 5.23 -10.09
C MET A 328 12.57 4.58 -10.65
N ALA A 329 12.49 3.31 -11.05
CA ALA A 329 13.65 2.61 -11.59
C ALA A 329 14.05 3.11 -12.97
N SER A 330 13.11 3.71 -13.71
CA SER A 330 13.41 4.19 -15.05
C SER A 330 14.50 5.26 -15.08
N TYR A 331 14.78 5.93 -13.96
CA TYR A 331 15.82 6.94 -13.89
C TYR A 331 17.16 6.40 -13.42
N ASN A 332 17.26 5.10 -13.18
CA ASN A 332 18.50 4.51 -12.70
C ASN A 332 19.47 4.27 -13.86
N LYS A 333 20.76 4.24 -13.53
CA LYS A 333 21.78 3.96 -14.51
C LYS A 333 21.72 2.49 -14.93
N PHE A 334 22.30 2.19 -16.10
CA PHE A 334 22.20 0.85 -16.65
C PHE A 334 22.88 -0.18 -15.76
N HIS A 335 24.08 0.13 -15.26
CA HIS A 335 24.88 -0.81 -14.50
C HIS A 335 24.66 -0.72 -12.99
N ASN A 336 23.56 -0.11 -12.58
CA ASN A 336 23.23 -0.08 -11.15
C ASN A 336 22.82 -1.47 -10.68
N ASN A 337 23.17 -1.79 -9.44
CA ASN A 337 22.90 -3.11 -8.85
C ASN A 337 21.52 -3.07 -8.22
N CYS A 338 20.51 -3.56 -8.95
CA CYS A 338 19.14 -3.56 -8.46
C CYS A 338 18.85 -4.72 -7.52
N TYR A 339 19.65 -5.78 -7.55
CA TYR A 339 19.44 -6.92 -6.67
C TYR A 339 19.67 -6.54 -5.21
N ARG A 340 20.80 -5.90 -4.94
CA ARG A 340 21.10 -5.43 -3.59
C ARG A 340 20.05 -4.44 -3.10
N ASP A 341 19.67 -3.50 -3.96
CA ASP A 341 18.65 -2.51 -3.59
C ASP A 341 17.34 -3.17 -3.24
N SER A 342 16.91 -4.14 -4.06
CA SER A 342 15.65 -4.83 -3.80
C SER A 342 15.69 -5.56 -2.47
N VAL A 343 16.78 -6.29 -2.21
CA VAL A 343 16.89 -7.03 -0.96
C VAL A 343 16.86 -6.09 0.23
N ILE A 344 17.65 -5.01 0.17
CA ILE A 344 17.74 -4.10 1.31
C ILE A 344 16.40 -3.42 1.56
N ILE A 345 15.75 -2.94 0.51
CA ILE A 345 14.47 -2.24 0.67
C ILE A 345 13.41 -3.19 1.22
N SER A 346 13.34 -4.42 0.70
CA SER A 346 12.35 -5.36 1.19
C SER A 346 12.55 -5.68 2.67
N ILE A 347 13.80 -5.96 3.07
CA ILE A 347 14.05 -6.29 4.47
C ILE A 347 13.76 -5.10 5.37
N THR A 348 14.17 -3.89 4.97
CA THR A 348 13.92 -2.71 5.79
C THR A 348 12.42 -2.44 5.92
N ASN A 349 11.68 -2.57 4.82
CA ASN A 349 10.24 -2.32 4.87
C ASN A 349 9.53 -3.33 5.75
N CYS A 350 9.88 -4.61 5.64
CA CYS A 350 9.16 -5.62 6.41
C CYS A 350 9.63 -5.73 7.85
N ALA A 351 10.79 -5.16 8.19
CA ALA A 351 11.23 -5.15 9.58
C ALA A 351 10.58 -4.02 10.37
N THR A 352 9.96 -3.06 9.71
CA THR A 352 9.33 -1.94 10.40
C THR A 352 7.93 -2.30 10.91
N SER A 353 7.23 -3.20 10.22
CA SER A 353 5.90 -3.60 10.64
C SER A 353 5.93 -4.43 11.91
N VAL A 354 6.98 -5.24 12.09
CA VAL A 354 7.07 -6.11 13.25
C VAL A 354 7.23 -5.30 14.53
N TYR A 355 8.01 -4.22 14.48
CA TYR A 355 8.20 -3.36 15.64
C TYR A 355 6.88 -2.71 16.06
N ALA A 356 6.15 -2.16 15.09
CA ALA A 356 4.86 -1.55 15.37
C ALA A 356 3.86 -2.57 15.90
N GLY A 357 3.88 -3.78 15.35
CA GLY A 357 3.03 -4.84 15.87
C GLY A 357 3.35 -5.20 17.30
N PHE A 358 4.64 -5.27 17.64
CA PHE A 358 5.06 -5.50 19.02
C PHE A 358 4.46 -4.44 19.94
N VAL A 359 4.63 -3.17 19.58
CA VAL A 359 4.13 -2.08 20.42
C VAL A 359 2.61 -2.17 20.57
N ILE A 360 1.91 -2.37 19.45
CA ILE A 360 0.46 -2.39 19.47
C ILE A 360 -0.06 -3.55 20.32
N PHE A 361 0.54 -4.73 20.19
CA PHE A 361 0.04 -5.88 20.94
C PHE A 361 0.41 -5.80 22.41
N SER A 362 1.53 -5.16 22.76
CA SER A 362 1.79 -4.88 24.17
C SER A 362 0.72 -3.98 24.75
N ILE A 363 0.35 -2.91 24.01
CA ILE A 363 -0.72 -2.03 24.48
C ILE A 363 -2.03 -2.79 24.61
N LEU A 364 -2.33 -3.66 23.64
CA LEU A 364 -3.58 -4.42 23.68
C LEU A 364 -3.63 -5.37 24.87
N GLY A 365 -2.51 -6.02 25.17
CA GLY A 365 -2.46 -6.88 26.34
C GLY A 365 -2.65 -6.12 27.63
N PHE A 366 -2.00 -4.96 27.75
CA PHE A 366 -2.18 -4.13 28.94
C PHE A 366 -3.64 -3.67 29.08
N MET A 367 -4.26 -3.28 27.96
CA MET A 367 -5.66 -2.84 28.00
C MET A 367 -6.59 -3.98 28.39
N ALA A 368 -6.36 -5.17 27.84
CA ALA A 368 -7.21 -6.32 28.17
C ALA A 368 -7.00 -6.79 29.60
N ASN A 369 -5.84 -6.54 30.19
CA ASN A 369 -5.61 -6.93 31.58
C ASN A 369 -6.55 -6.22 32.54
N HIS A 370 -6.78 -4.91 32.35
CA HIS A 370 -7.57 -4.14 33.29
C HIS A 370 -9.04 -4.00 32.89
N LEU A 371 -9.43 -4.45 31.70
CA LEU A 371 -10.83 -4.44 31.30
C LEU A 371 -11.55 -5.74 31.62
N GLY A 372 -10.85 -6.74 32.16
CA GLY A 372 -11.47 -8.00 32.51
C GLY A 372 -11.97 -8.82 31.33
N VAL A 373 -11.28 -8.75 30.20
CA VAL A 373 -11.63 -9.48 28.99
C VAL A 373 -10.38 -10.20 28.48
N ASP A 374 -10.53 -10.91 27.37
CA ASP A 374 -9.43 -11.58 26.70
C ASP A 374 -8.81 -10.68 25.65
N VAL A 375 -7.58 -11.02 25.26
CA VAL A 375 -6.86 -10.22 24.27
C VAL A 375 -7.54 -10.28 22.91
N SER A 376 -8.22 -11.39 22.61
CA SER A 376 -8.88 -11.55 21.32
C SER A 376 -10.24 -10.86 21.27
N ARG A 377 -10.73 -10.32 22.39
CA ARG A 377 -12.04 -9.68 22.43
C ARG A 377 -12.00 -8.26 22.96
N VAL A 378 -10.81 -7.70 23.20
CA VAL A 378 -10.72 -6.37 23.80
C VAL A 378 -11.20 -5.30 22.81
N ALA A 379 -10.91 -5.46 21.53
CA ALA A 379 -11.26 -4.49 20.51
C ALA A 379 -12.01 -5.19 19.38
N ASP A 380 -12.64 -4.37 18.53
CA ASP A 380 -13.35 -4.87 17.37
C ASP A 380 -12.42 -4.89 16.16
N HIS A 381 -12.89 -5.51 15.08
CA HIS A 381 -12.08 -5.77 13.89
C HIS A 381 -12.16 -4.65 12.87
N GLY A 382 -12.44 -3.42 13.30
CA GLY A 382 -12.52 -2.30 12.40
C GLY A 382 -11.15 -1.74 12.05
N PRO A 383 -11.12 -0.81 11.09
CA PRO A 383 -9.82 -0.22 10.68
C PRO A 383 -9.27 0.80 11.66
N GLY A 384 -10.04 1.25 12.64
CA GLY A 384 -9.57 2.25 13.57
C GLY A 384 -8.94 1.68 14.82
N LEU A 385 -8.14 0.63 14.66
CA LEU A 385 -7.46 0.03 15.81
C LEU A 385 -6.33 0.91 16.31
N ALA A 386 -5.55 1.47 15.39
CA ALA A 386 -4.42 2.32 15.78
C ALA A 386 -4.87 3.59 16.49
N PHE A 387 -5.92 4.25 16.00
CA PHE A 387 -6.42 5.48 16.60
C PHE A 387 -7.08 5.26 17.95
N VAL A 388 -7.28 4.01 18.35
CA VAL A 388 -7.76 3.68 19.68
C VAL A 388 -6.61 3.20 20.58
N ALA A 389 -5.66 2.46 20.02
CA ALA A 389 -4.59 1.89 20.83
C ALA A 389 -3.47 2.88 21.12
N TYR A 390 -2.96 3.56 20.09
CA TYR A 390 -1.82 4.47 20.30
C TYR A 390 -2.13 5.60 21.27
N PRO A 391 -3.28 6.28 21.20
CA PRO A 391 -3.55 7.33 22.21
C PRO A 391 -3.54 6.82 23.64
N GLU A 392 -3.99 5.58 23.87
CA GLU A 392 -3.96 5.02 25.22
C GLU A 392 -2.53 4.91 25.73
N ALA A 393 -1.60 4.48 24.88
CA ALA A 393 -0.19 4.45 25.27
C ALA A 393 0.35 5.85 25.45
N LEU A 394 -0.04 6.79 24.59
CA LEU A 394 0.45 8.16 24.70
C LEU A 394 -0.02 8.85 25.97
N THR A 395 -1.16 8.41 26.53
CA THR A 395 -1.64 8.99 27.77
C THR A 395 -0.69 8.74 28.94
N LEU A 396 -0.12 7.55 29.05
CA LEU A 396 0.68 7.15 30.20
C LEU A 396 2.06 7.81 30.25
N LEU A 397 2.52 8.41 29.15
CA LEU A 397 3.85 9.00 29.18
C LEU A 397 3.82 10.34 29.91
N PRO A 398 4.92 10.71 30.59
CA PRO A 398 5.00 12.05 31.18
C PRO A 398 5.04 13.11 30.09
N ILE A 399 4.34 14.22 30.33
CA ILE A 399 4.17 15.29 29.34
C ILE A 399 3.58 14.68 28.07
N SER A 400 2.31 14.28 28.14
CA SER A 400 1.62 13.57 27.07
C SER A 400 1.44 14.38 25.78
N PRO A 401 1.01 15.66 25.85
CA PRO A 401 0.76 16.39 24.60
C PRO A 401 1.96 16.49 23.67
N LEU A 402 3.17 16.65 24.22
CA LEU A 402 4.36 16.75 23.38
C LEU A 402 4.59 15.46 22.61
N TRP A 403 4.49 14.33 23.29
CA TRP A 403 4.70 13.04 22.63
C TRP A 403 3.60 12.75 21.63
N SER A 404 2.36 13.14 21.94
CA SER A 404 1.27 12.99 20.98
C SER A 404 1.52 13.82 19.73
N LEU A 405 1.97 15.06 19.91
CA LEU A 405 2.28 15.92 18.77
C LEU A 405 3.36 15.30 17.90
N LEU A 406 4.43 14.81 18.52
CA LEU A 406 5.52 14.20 17.75
C LEU A 406 5.04 12.95 17.02
N PHE A 407 4.25 12.10 17.69
CA PHE A 407 3.78 10.87 17.08
C PHE A 407 2.89 11.14 15.87
N PHE A 408 1.95 12.08 16.01
CA PHE A 408 1.05 12.36 14.89
C PHE A 408 1.75 13.13 13.78
N PHE A 409 2.76 13.94 14.11
CA PHE A 409 3.59 14.56 13.08
C PHE A 409 4.34 13.49 12.29
N MET A 410 4.86 12.47 12.97
CA MET A 410 5.53 11.36 12.29
C MET A 410 4.56 10.62 11.37
N LEU A 411 3.34 10.38 11.84
CA LEU A 411 2.33 9.74 10.98
C LEU A 411 2.04 10.57 9.75
N ILE A 412 1.90 11.89 9.92
CA ILE A 412 1.62 12.77 8.79
C ILE A 412 2.75 12.73 7.78
N LEU A 413 4.00 12.75 8.26
CA LEU A 413 5.15 12.67 7.36
C LEU A 413 5.17 11.35 6.61
N LEU A 414 4.89 10.24 7.31
CA LEU A 414 4.87 8.94 6.67
C LEU A 414 3.83 8.88 5.56
N GLY A 415 2.64 9.44 5.80
CA GLY A 415 1.63 9.47 4.76
C GLY A 415 2.01 10.35 3.58
N LEU A 416 2.53 11.55 3.87
CA LEU A 416 2.83 12.50 2.80
C LEU A 416 3.94 11.98 1.89
N GLY A 417 4.94 11.30 2.46
CA GLY A 417 6.02 10.77 1.63
C GLY A 417 5.52 9.84 0.55
N THR A 418 4.54 8.98 0.87
CA THR A 418 3.98 8.07 -0.12
C THR A 418 3.02 8.79 -1.06
N GLN A 419 2.22 9.72 -0.53
CA GLN A 419 1.24 10.42 -1.37
C GLN A 419 1.92 11.24 -2.47
N PHE A 420 3.05 11.89 -2.15
CA PHE A 420 3.77 12.66 -3.15
C PHE A 420 4.11 11.81 -4.36
N CYS A 421 4.75 10.66 -4.13
CA CYS A 421 5.13 9.78 -5.22
C CYS A 421 3.91 9.20 -5.93
N LEU A 422 2.85 8.90 -5.18
CA LEU A 422 1.65 8.34 -5.79
C LEU A 422 1.05 9.30 -6.81
N LEU A 423 1.00 10.59 -6.47
CA LEU A 423 0.44 11.56 -7.42
C LEU A 423 1.43 11.88 -8.55
N GLU A 424 2.72 11.92 -8.24
CA GLU A 424 3.72 12.22 -9.25
C GLU A 424 3.75 11.15 -10.33
N THR A 425 3.59 9.88 -9.94
CA THR A 425 3.58 8.79 -10.92
C THR A 425 2.43 8.94 -11.91
N LEU A 426 1.23 9.24 -11.41
CA LEU A 426 0.08 9.41 -12.30
C LEU A 426 0.28 10.60 -13.23
N VAL A 427 0.78 11.71 -12.70
CA VAL A 427 0.98 12.89 -13.55
C VAL A 427 2.00 12.60 -14.64
N THR A 428 3.11 11.95 -14.27
CA THR A 428 4.14 11.63 -15.26
C THR A 428 3.61 10.67 -16.31
N ALA A 429 2.83 9.67 -15.89
CA ALA A 429 2.27 8.72 -16.85
C ALA A 429 1.34 9.40 -17.83
N ILE A 430 0.47 10.30 -17.34
CA ILE A 430 -0.44 11.01 -18.23
C ILE A 430 0.34 11.86 -19.21
N VAL A 431 1.34 12.60 -18.71
CA VAL A 431 2.11 13.49 -19.56
C VAL A 431 2.85 12.70 -20.65
N ASP A 432 3.44 11.57 -20.29
CA ASP A 432 4.14 10.75 -21.27
C ASP A 432 3.18 10.10 -22.26
N GLU A 433 1.98 9.75 -21.82
CA GLU A 433 1.02 9.10 -22.71
C GLU A 433 0.47 10.08 -23.75
N VAL A 434 0.17 11.30 -23.34
CA VAL A 434 -0.37 12.28 -24.29
C VAL A 434 0.64 12.54 -25.40
N GLY A 435 1.90 12.78 -25.03
CA GLY A 435 3.00 12.70 -25.97
C GLY A 435 3.40 13.99 -26.65
N ASN A 436 2.54 15.01 -26.68
CA ASN A 436 2.89 16.24 -27.38
C ASN A 436 3.73 17.15 -26.50
N GLU A 437 4.11 18.31 -27.02
CA GLU A 437 4.84 19.31 -26.26
C GLU A 437 3.93 20.36 -25.62
N TRP A 438 2.67 20.45 -26.06
CA TRP A 438 1.73 21.35 -25.42
C TRP A 438 1.28 20.84 -24.05
N ILE A 439 1.18 19.51 -23.90
CA ILE A 439 0.84 18.95 -22.60
C ILE A 439 2.04 18.97 -21.66
N LEU A 440 3.25 19.07 -22.21
CA LEU A 440 4.44 19.15 -21.36
C LEU A 440 4.60 20.53 -20.73
N GLN A 441 4.16 21.58 -21.42
CA GLN A 441 4.25 22.94 -20.90
C GLN A 441 3.10 23.30 -19.97
N LYS A 442 2.12 22.41 -19.80
CA LYS A 442 0.97 22.65 -18.94
C LYS A 442 0.84 21.53 -17.91
N LYS A 443 1.97 21.14 -17.32
CA LYS A 443 1.96 20.07 -16.31
C LYS A 443 1.32 20.52 -15.01
N THR A 444 1.48 21.80 -14.66
CA THR A 444 0.90 22.31 -13.42
C THR A 444 -0.62 22.23 -13.45
N TYR A 445 -1.23 22.54 -14.60
CA TYR A 445 -2.68 22.44 -14.72
C TYR A 445 -3.15 21.00 -14.59
N VAL A 446 -2.38 20.05 -15.14
CA VAL A 446 -2.72 18.64 -14.99
C VAL A 446 -2.67 18.23 -13.53
N THR A 447 -1.62 18.64 -12.81
CA THR A 447 -1.51 18.34 -11.39
C THR A 447 -2.67 18.95 -10.61
N LEU A 448 -3.03 20.19 -10.93
CA LEU A 448 -4.13 20.86 -10.24
C LEU A 448 -5.45 20.13 -10.50
N GLY A 449 -5.69 19.70 -11.74
CA GLY A 449 -6.89 18.96 -12.04
C GLY A 449 -6.98 17.64 -11.31
N VAL A 450 -5.86 16.91 -11.25
CA VAL A 450 -5.84 15.64 -10.53
C VAL A 450 -6.11 15.86 -9.04
N ALA A 451 -5.48 16.89 -8.45
CA ALA A 451 -5.70 17.17 -7.04
C ALA A 451 -7.15 17.55 -6.76
N VAL A 452 -7.73 18.39 -7.62
CA VAL A 452 -9.13 18.80 -7.42
C VAL A 452 -10.07 17.61 -7.55
N ALA A 453 -9.82 16.74 -8.52
CA ALA A 453 -10.64 15.54 -8.69
C ALA A 453 -10.55 14.64 -7.46
N GLY A 454 -9.34 14.43 -6.94
CA GLY A 454 -9.19 13.62 -5.75
C GLY A 454 -9.89 14.23 -4.54
N PHE A 455 -9.77 15.54 -4.35
CA PHE A 455 -10.44 16.20 -3.25
C PHE A 455 -11.95 16.07 -3.36
N LEU A 456 -12.49 16.26 -4.57
CA LEU A 456 -13.94 16.15 -4.76
C LEU A 456 -14.43 14.74 -4.53
N LEU A 457 -13.66 13.73 -4.97
CA LEU A 457 -14.08 12.35 -4.77
C LEU A 457 -13.95 11.92 -3.32
N GLY A 458 -13.07 12.56 -2.55
CA GLY A 458 -12.94 12.20 -1.14
C GLY A 458 -13.98 12.80 -0.20
N ILE A 459 -14.84 13.68 -0.70
CA ILE A 459 -15.83 14.33 0.18
C ILE A 459 -16.82 13.35 0.80
N PRO A 460 -17.42 12.41 0.06
CA PRO A 460 -18.39 11.50 0.70
C PRO A 460 -17.80 10.58 1.75
N LEU A 461 -16.49 10.53 1.90
CA LEU A 461 -15.86 9.71 2.93
C LEU A 461 -15.70 10.45 4.25
N THR A 462 -16.14 11.70 4.34
CA THR A 462 -16.09 12.49 5.56
C THR A 462 -17.46 12.68 6.19
N SER A 463 -18.43 11.84 5.84
CA SER A 463 -19.76 11.92 6.41
C SER A 463 -19.85 11.01 7.64
N GLN A 464 -21.07 10.80 8.15
CA GLN A 464 -21.26 9.91 9.28
C GLN A 464 -21.18 8.44 8.88
N ALA A 465 -21.24 8.13 7.59
CA ALA A 465 -21.10 6.76 7.10
C ALA A 465 -19.81 6.60 6.30
N GLY A 466 -18.79 7.39 6.58
CA GLY A 466 -17.58 7.38 5.77
C GLY A 466 -16.68 6.19 6.05
N ILE A 467 -16.66 5.70 7.28
CA ILE A 467 -15.73 4.62 7.63
C ILE A 467 -16.16 3.32 6.95
N TYR A 468 -17.46 3.13 6.73
CA TYR A 468 -17.92 1.96 5.98
C TYR A 468 -17.42 1.99 4.55
N TRP A 469 -17.53 3.15 3.89
CA TRP A 469 -17.04 3.28 2.52
C TRP A 469 -15.52 3.13 2.46
N LEU A 470 -14.82 3.69 3.44
CA LEU A 470 -13.37 3.54 3.49
C LEU A 470 -12.96 2.08 3.66
N LEU A 471 -13.66 1.35 4.54
CA LEU A 471 -13.36 -0.07 4.74
C LEU A 471 -13.64 -0.87 3.48
N LEU A 472 -14.76 -0.57 2.81
CA LEU A 472 -15.09 -1.24 1.55
C LEU A 472 -14.02 -0.98 0.49
N MET A 473 -13.58 0.26 0.35
CA MET A 473 -12.53 0.58 -0.62
C MET A 473 -11.23 -0.12 -0.26
N ASP A 474 -10.92 -0.20 1.04
CA ASP A 474 -9.65 -0.77 1.48
C ASP A 474 -9.59 -2.27 1.19
N ASN A 475 -10.62 -3.01 1.55
CA ASN A 475 -10.54 -4.48 1.49
C ASN A 475 -11.35 -5.06 0.33
N TYR A 476 -11.65 -4.25 -0.67
CA TYR A 476 -12.28 -4.78 -1.88
C TYR A 476 -11.59 -4.31 -3.16
N ALA A 477 -11.15 -3.05 -3.17
CA ALA A 477 -10.61 -2.46 -4.40
C ALA A 477 -9.10 -2.60 -4.52
N ALA A 478 -8.38 -2.71 -3.39
CA ALA A 478 -6.92 -2.72 -3.41
C ALA A 478 -6.40 -3.83 -2.51
N SER A 479 -6.96 -5.04 -2.68
CA SER A 479 -6.50 -6.17 -1.88
C SER A 479 -5.85 -7.26 -2.72
N PHE A 480 -6.59 -7.85 -3.65
CA PHE A 480 -6.13 -9.01 -4.38
C PHE A 480 -6.01 -8.77 -5.88
N SER A 481 -6.33 -7.57 -6.35
CA SER A 481 -6.06 -7.24 -7.73
C SER A 481 -4.57 -7.02 -7.98
N LEU A 482 -3.85 -6.54 -6.96
CA LEU A 482 -2.40 -6.37 -7.09
C LEU A 482 -1.71 -7.69 -7.36
N VAL A 483 -2.09 -8.73 -6.63
CA VAL A 483 -1.46 -10.04 -6.80
C VAL A 483 -1.74 -10.60 -8.18
N VAL A 484 -2.99 -10.47 -8.65
CA VAL A 484 -3.36 -10.96 -9.97
C VAL A 484 -2.58 -10.22 -11.05
N ILE A 485 -2.48 -8.90 -10.95
CA ILE A 485 -1.77 -8.12 -11.96
C ILE A 485 -0.29 -8.48 -11.97
N SER A 486 0.32 -8.62 -10.79
CA SER A 486 1.73 -8.98 -10.72
C SER A 486 1.98 -10.37 -11.29
N CYS A 487 1.11 -11.32 -10.99
CA CYS A 487 1.28 -12.67 -11.53
C CYS A 487 1.13 -12.68 -13.05
N ILE A 488 0.17 -11.92 -13.58
CA ILE A 488 -0.01 -11.85 -15.02
C ILE A 488 1.23 -11.26 -15.69
N MET A 489 1.79 -10.20 -15.10
CA MET A 489 3.00 -9.60 -15.66
C MET A 489 4.16 -10.59 -15.63
N CYS A 490 4.33 -11.31 -14.52
CA CYS A 490 5.41 -12.29 -14.43
C CYS A 490 5.25 -13.39 -15.46
N VAL A 491 4.02 -13.89 -15.65
CA VAL A 491 3.78 -14.94 -16.62
C VAL A 491 4.05 -14.44 -18.04
N ALA A 492 3.60 -13.21 -18.34
CA ALA A 492 3.84 -12.65 -19.66
C ALA A 492 5.32 -12.52 -19.96
N ILE A 493 6.11 -12.10 -18.96
CA ILE A 493 7.54 -11.95 -19.18
C ILE A 493 8.21 -13.32 -19.33
N MET A 494 7.84 -14.28 -18.49
CA MET A 494 8.53 -15.57 -18.46
C MET A 494 8.16 -16.51 -19.59
N TYR A 495 6.91 -16.54 -20.02
CA TYR A 495 6.45 -17.56 -20.95
C TYR A 495 6.07 -17.06 -22.34
N ILE A 496 5.89 -15.76 -22.53
CA ILE A 496 5.57 -15.22 -23.85
C ILE A 496 6.85 -14.65 -24.45
N TYR A 497 7.61 -13.90 -23.66
CA TYR A 497 8.86 -13.32 -24.12
C TYR A 497 10.02 -14.31 -24.08
N GLY A 498 10.07 -15.17 -23.06
CA GLY A 498 11.13 -16.17 -22.92
C GLY A 498 12.00 -15.86 -21.72
N HIS A 499 12.20 -16.86 -20.88
CA HIS A 499 13.00 -16.67 -19.68
C HIS A 499 14.48 -16.50 -20.01
N ARG A 500 14.96 -17.20 -21.05
CA ARG A 500 16.37 -17.08 -21.43
C ARG A 500 16.72 -15.67 -21.88
N ASN A 501 15.84 -15.04 -22.67
CA ASN A 501 16.09 -13.67 -23.12
C ASN A 501 16.15 -12.71 -21.95
N TYR A 502 15.24 -12.86 -20.98
CA TYR A 502 15.24 -11.98 -19.81
C TYR A 502 16.47 -12.22 -18.95
N PHE A 503 16.91 -13.47 -18.82
CA PHE A 503 18.12 -13.75 -18.06
C PHE A 503 19.34 -13.11 -18.70
N GLN A 504 19.42 -13.19 -20.04
CA GLN A 504 20.51 -12.51 -20.74
C GLN A 504 20.43 -11.00 -20.57
N ASP A 505 19.21 -10.45 -20.60
CA ASP A 505 19.05 -9.01 -20.38
C ASP A 505 19.54 -8.59 -19.00
N ILE A 506 19.21 -9.39 -17.97
CA ILE A 506 19.67 -9.08 -16.62
C ILE A 506 21.19 -9.18 -16.54
N GLN A 507 21.77 -10.22 -17.15
CA GLN A 507 23.23 -10.35 -17.15
C GLN A 507 23.90 -9.20 -17.89
N MET A 508 23.21 -8.60 -18.85
CA MET A 508 23.77 -7.46 -19.57
C MET A 508 24.11 -6.31 -18.62
N MET A 509 23.23 -6.02 -17.67
CA MET A 509 23.46 -4.93 -16.72
C MET A 509 24.25 -5.37 -15.50
N LEU A 510 23.85 -6.46 -14.85
CA LEU A 510 24.47 -6.82 -13.58
C LEU A 510 25.86 -7.42 -13.76
N GLY A 511 26.12 -8.08 -14.87
CA GLY A 511 27.38 -8.75 -15.10
C GLY A 511 27.44 -10.19 -14.64
N PHE A 512 26.42 -10.65 -13.92
CA PHE A 512 26.29 -12.05 -13.52
C PHE A 512 24.85 -12.46 -13.69
N PRO A 513 24.59 -13.74 -13.96
CA PRO A 513 23.20 -14.20 -14.11
C PRO A 513 22.47 -14.13 -12.79
N PRO A 514 21.15 -13.98 -12.81
CA PRO A 514 20.37 -13.98 -11.57
C PRO A 514 20.52 -15.30 -10.84
N PRO A 515 20.53 -15.28 -9.50
CA PRO A 515 20.70 -16.52 -8.75
C PRO A 515 19.55 -17.50 -8.98
N LEU A 516 19.85 -18.78 -8.80
CA LEU A 516 18.89 -19.84 -9.15
C LEU A 516 17.60 -19.73 -8.35
N PHE A 517 17.66 -19.19 -7.14
CA PHE A 517 16.46 -19.05 -6.33
C PHE A 517 15.43 -18.18 -7.02
N PHE A 518 15.87 -17.02 -7.54
CA PHE A 518 14.95 -16.13 -8.23
C PHE A 518 14.44 -16.74 -9.52
N GLN A 519 15.29 -17.48 -10.25
CA GLN A 519 14.85 -18.14 -11.47
C GLN A 519 13.74 -19.15 -11.18
N ILE A 520 13.94 -19.99 -10.17
CA ILE A 520 12.93 -21.00 -9.84
C ILE A 520 11.65 -20.34 -9.32
N CYS A 521 11.78 -19.27 -8.53
CA CYS A 521 10.59 -18.58 -8.05
C CYS A 521 9.83 -17.90 -9.18
N TRP A 522 10.55 -17.37 -10.18
CA TRP A 522 9.90 -16.71 -11.30
C TRP A 522 9.22 -17.70 -12.24
N ARG A 523 9.81 -18.86 -12.45
CA ARG A 523 9.26 -19.82 -13.40
C ARG A 523 8.17 -20.71 -12.84
N PHE A 524 8.31 -21.20 -11.59
CA PHE A 524 7.39 -22.19 -11.07
C PHE A 524 6.70 -21.85 -9.76
N VAL A 525 7.41 -21.27 -8.80
CA VAL A 525 6.89 -21.27 -7.43
C VAL A 525 5.82 -20.20 -7.25
N SER A 526 6.16 -18.94 -7.52
CA SER A 526 5.22 -17.85 -7.28
C SER A 526 3.94 -17.97 -8.09
N PRO A 527 3.97 -18.20 -9.41
CA PRO A 527 2.70 -18.37 -10.13
C PRO A 527 1.86 -19.52 -9.62
N ALA A 528 2.49 -20.64 -9.25
CA ALA A 528 1.72 -21.78 -8.73
C ALA A 528 1.08 -21.44 -7.38
N ILE A 529 1.80 -20.74 -6.52
CA ILE A 529 1.25 -20.36 -5.22
C ILE A 529 0.06 -19.43 -5.40
N ILE A 530 0.20 -18.44 -6.29
CA ILE A 530 -0.91 -17.51 -6.51
C ILE A 530 -2.11 -18.22 -7.12
N PHE A 531 -1.84 -19.14 -8.06
CA PHE A 531 -2.93 -19.91 -8.66
C PHE A 531 -3.67 -20.74 -7.61
N PHE A 532 -2.92 -21.39 -6.72
CA PHE A 532 -3.57 -22.21 -5.70
C PHE A 532 -4.39 -21.36 -4.74
N ILE A 533 -3.87 -20.20 -4.33
CA ILE A 533 -4.62 -19.32 -3.44
C ILE A 533 -5.91 -18.86 -4.12
N LEU A 534 -5.81 -18.44 -5.39
CA LEU A 534 -6.98 -17.96 -6.11
C LEU A 534 -8.01 -19.06 -6.29
N VAL A 535 -7.57 -20.28 -6.62
CA VAL A 535 -8.49 -21.38 -6.84
C VAL A 535 -9.20 -21.75 -5.55
N PHE A 536 -8.47 -21.85 -4.45
CA PHE A 536 -9.09 -22.26 -3.19
C PHE A 536 -9.90 -21.16 -2.53
N THR A 537 -9.67 -19.89 -2.91
CA THR A 537 -10.53 -18.82 -2.42
C THR A 537 -11.96 -18.94 -2.95
N VAL A 538 -12.13 -19.25 -4.22
CA VAL A 538 -13.45 -19.34 -4.84
C VAL A 538 -14.22 -20.55 -4.34
N ILE A 539 -13.56 -21.70 -4.23
CA ILE A 539 -14.24 -22.92 -3.80
C ILE A 539 -14.75 -22.81 -2.38
N GLN A 540 -13.98 -22.16 -1.50
CA GLN A 540 -14.32 -22.04 -0.08
C GLN A 540 -15.04 -20.72 0.21
N TYR A 541 -15.77 -20.19 -0.78
CA TYR A 541 -16.43 -18.90 -0.64
C TYR A 541 -17.82 -19.10 -0.05
N GLN A 542 -18.05 -18.52 1.12
CA GLN A 542 -19.34 -18.53 1.80
C GLN A 542 -19.83 -17.10 2.03
N PRO A 543 -21.08 -16.82 1.66
CA PRO A 543 -21.62 -15.46 1.87
C PRO A 543 -21.53 -14.99 3.32
N ILE A 544 -21.78 -15.88 4.28
CA ILE A 544 -21.73 -15.51 5.69
C ILE A 544 -20.28 -15.27 6.11
N THR A 545 -19.37 -16.10 5.60
CA THR A 545 -17.96 -16.02 5.97
C THR A 545 -17.24 -14.85 5.31
N TYR A 546 -17.49 -14.60 4.03
CA TYR A 546 -16.76 -13.59 3.27
C TYR A 546 -17.48 -12.26 3.26
N ASN A 547 -18.23 -11.97 4.33
CA ASN A 547 -18.80 -10.64 4.53
C ASN A 547 -18.22 -9.95 5.75
N HIS A 548 -18.31 -10.57 6.92
CA HIS A 548 -17.58 -10.19 8.12
C HIS A 548 -18.01 -8.83 8.68
N TYR A 549 -18.90 -8.13 7.98
CA TYR A 549 -19.39 -6.84 8.44
C TYR A 549 -20.87 -6.64 8.17
N GLN A 550 -21.58 -7.70 7.79
CA GLN A 550 -23.03 -7.66 7.56
C GLN A 550 -23.43 -6.55 6.59
N TYR A 551 -22.65 -6.38 5.53
CA TYR A 551 -23.01 -5.42 4.49
C TYR A 551 -24.21 -5.93 3.69
N PRO A 552 -25.02 -5.03 3.16
CA PRO A 552 -26.13 -5.44 2.29
C PRO A 552 -25.61 -5.91 0.94
N GLY A 553 -26.54 -6.39 0.11
CA GLY A 553 -26.15 -6.97 -1.17
C GLY A 553 -25.57 -5.97 -2.14
N TRP A 554 -26.16 -4.78 -2.23
CA TRP A 554 -25.71 -3.80 -3.21
C TRP A 554 -24.31 -3.28 -2.89
N ALA A 555 -23.96 -3.12 -1.62
CA ALA A 555 -22.60 -2.75 -1.25
C ALA A 555 -21.58 -3.81 -1.65
N VAL A 556 -21.91 -5.09 -1.47
CA VAL A 556 -21.01 -6.16 -1.89
C VAL A 556 -20.87 -6.17 -3.40
N ALA A 557 -21.96 -5.91 -4.12
CA ALA A 557 -21.89 -5.82 -5.59
C ALA A 557 -20.99 -4.68 -6.03
N ILE A 558 -21.11 -3.52 -5.36
CA ILE A 558 -20.25 -2.38 -5.70
C ILE A 558 -18.79 -2.72 -5.42
N GLY A 559 -18.51 -3.40 -4.31
CA GLY A 559 -17.15 -3.82 -4.02
C GLY A 559 -16.59 -4.77 -5.06
N PHE A 560 -17.42 -5.72 -5.51
CA PHE A 560 -17.00 -6.63 -6.57
C PHE A 560 -16.70 -5.90 -7.87
N LEU A 561 -17.54 -4.92 -8.21
CA LEU A 561 -17.30 -4.13 -9.42
C LEU A 561 -16.00 -3.34 -9.31
N MET A 562 -15.73 -2.76 -8.14
CA MET A 562 -14.47 -2.04 -7.95
C MET A 562 -13.28 -2.98 -8.06
N ALA A 563 -13.40 -4.20 -7.53
CA ALA A 563 -12.33 -5.17 -7.65
C ALA A 563 -12.09 -5.56 -9.10
N LEU A 564 -13.17 -5.75 -9.87
CA LEU A 564 -13.04 -6.20 -11.25
C LEU A 564 -12.63 -5.09 -12.22
N SER A 565 -12.82 -3.82 -11.84
CA SER A 565 -12.56 -2.73 -12.78
C SER A 565 -11.09 -2.66 -13.18
N SER A 566 -10.17 -2.89 -12.25
CA SER A 566 -8.74 -2.88 -12.57
C SER A 566 -8.28 -4.13 -13.29
N VAL A 567 -8.81 -5.30 -12.91
CA VAL A 567 -8.42 -6.55 -13.55
C VAL A 567 -8.92 -6.65 -14.99
N LEU A 568 -10.12 -6.16 -15.28
CA LEU A 568 -10.68 -6.27 -16.63
C LEU A 568 -9.98 -5.38 -17.65
N CYS A 569 -8.99 -4.58 -17.24
CA CYS A 569 -8.30 -3.72 -18.19
C CYS A 569 -7.41 -4.50 -19.14
N ILE A 570 -6.95 -5.68 -18.73
CA ILE A 570 -6.04 -6.49 -19.55
C ILE A 570 -6.79 -7.18 -20.68
N PRO A 571 -7.80 -8.02 -20.42
CA PRO A 571 -8.45 -8.72 -21.54
C PRO A 571 -9.12 -7.79 -22.54
N LEU A 572 -9.68 -6.66 -22.11
CA LEU A 572 -10.33 -5.74 -23.03
C LEU A 572 -9.33 -5.02 -23.94
N TYR A 573 -8.21 -4.57 -23.38
CA TYR A 573 -7.17 -4.00 -24.22
C TYR A 573 -6.58 -5.04 -25.17
N ALA A 574 -6.58 -6.32 -24.75
CA ALA A 574 -6.13 -7.38 -25.64
C ALA A 574 -7.00 -7.45 -26.91
N MET A 575 -8.33 -7.47 -26.73
CA MET A 575 -9.20 -7.47 -27.90
C MET A 575 -9.10 -6.19 -28.71
N PHE A 576 -8.95 -5.06 -28.03
CA PHE A 576 -8.80 -3.79 -28.75
C PHE A 576 -7.56 -3.82 -29.64
N ARG A 577 -6.43 -4.31 -29.12
CA ARG A 577 -5.22 -4.42 -29.94
C ARG A 577 -5.40 -5.44 -31.05
N LEU A 578 -6.05 -6.56 -30.77
CA LEU A 578 -6.25 -7.59 -31.78
C LEU A 578 -7.15 -7.13 -32.92
N CYS A 579 -8.04 -6.16 -32.66
CA CYS A 579 -8.92 -5.66 -33.71
C CYS A 579 -8.20 -4.78 -34.73
N ARG A 580 -6.98 -4.34 -34.44
CA ARG A 580 -6.22 -3.48 -35.33
C ARG A 580 -4.92 -4.12 -35.81
N THR A 581 -4.80 -5.44 -35.71
CA THR A 581 -3.58 -6.13 -36.12
C THR A 581 -3.83 -6.92 -37.40
N ASP A 582 -2.89 -6.80 -38.34
CA ASP A 582 -2.98 -7.48 -39.62
C ASP A 582 -2.79 -8.99 -39.44
N GLY A 583 -3.36 -9.76 -40.37
CA GLY A 583 -3.26 -11.20 -40.32
C GLY A 583 -4.55 -11.89 -40.71
N ASP A 584 -4.45 -12.88 -41.60
CA ASP A 584 -5.64 -13.61 -42.04
C ASP A 584 -6.28 -14.39 -40.89
N THR A 585 -5.54 -15.35 -40.34
CA THR A 585 -6.06 -16.17 -39.26
C THR A 585 -5.89 -15.47 -37.91
N LEU A 586 -6.66 -15.93 -36.93
CA LEU A 586 -6.51 -15.42 -35.57
C LEU A 586 -5.19 -15.81 -34.95
N LEU A 587 -4.68 -17.00 -35.25
CA LEU A 587 -3.38 -17.42 -34.74
C LEU A 587 -2.26 -16.52 -35.26
N GLN A 588 -2.33 -16.11 -36.53
CA GLN A 588 -1.35 -15.17 -37.06
C GLN A 588 -1.45 -13.79 -36.43
N ARG A 589 -2.67 -13.33 -36.13
CA ARG A 589 -2.84 -12.05 -35.44
C ARG A 589 -2.41 -12.11 -33.99
N LEU A 590 -2.41 -13.29 -33.37
CA LEU A 590 -1.93 -13.43 -32.00
C LEU A 590 -0.41 -13.45 -31.90
N LYS A 591 0.29 -13.66 -33.02
CA LYS A 591 1.75 -13.67 -33.01
C LYS A 591 2.34 -12.31 -33.34
N ASN A 592 1.64 -11.49 -34.13
CA ASN A 592 2.12 -10.15 -34.44
C ASN A 592 1.92 -9.19 -33.28
N ALA A 593 0.87 -9.38 -32.48
CA ALA A 593 0.59 -8.48 -31.36
C ALA A 593 1.42 -8.81 -30.13
N THR A 594 2.03 -9.99 -30.07
CA THR A 594 2.87 -10.37 -28.94
C THR A 594 4.35 -10.23 -29.22
N LYS A 595 4.73 -10.01 -30.47
CA LYS A 595 6.13 -9.81 -30.82
C LYS A 595 6.62 -8.46 -30.31
N PRO A 596 7.85 -8.38 -29.81
CA PRO A 596 8.37 -7.10 -29.33
C PRO A 596 8.50 -6.08 -30.45
N SER A 597 8.36 -4.81 -30.08
CA SER A 597 8.41 -3.72 -31.05
C SER A 597 9.85 -3.49 -31.50
N ARG A 598 10.02 -2.50 -32.39
CA ARG A 598 11.31 -2.19 -32.96
C ARG A 598 12.21 -1.40 -32.03
N ASP A 599 11.66 -0.79 -30.98
CA ASP A 599 12.44 0.05 -30.08
C ASP A 599 12.64 -0.58 -28.70
N TRP A 600 12.31 -1.85 -28.54
CA TRP A 600 12.54 -2.53 -27.28
C TRP A 600 14.04 -2.77 -27.08
N GLY A 601 14.51 -2.52 -25.85
CA GLY A 601 15.89 -2.73 -25.52
C GLY A 601 16.50 -1.56 -24.76
N PRO A 602 17.83 -1.55 -24.65
CA PRO A 602 18.50 -0.44 -23.95
C PRO A 602 18.29 0.88 -24.66
N ALA A 603 18.20 1.95 -23.85
CA ALA A 603 17.94 3.28 -24.40
C ALA A 603 19.20 3.85 -25.06
N LEU A 604 20.36 3.70 -24.43
CA LEU A 604 21.58 4.30 -24.96
C LEU A 604 22.14 3.46 -26.10
N LEU A 605 22.85 4.14 -27.00
CA LEU A 605 23.42 3.47 -28.17
C LEU A 605 24.58 2.56 -27.82
N GLU A 606 25.34 2.88 -26.77
CA GLU A 606 26.49 2.07 -26.40
C GLU A 606 26.11 0.71 -25.82
N HIS A 607 24.88 0.56 -25.32
CA HIS A 607 24.42 -0.69 -24.75
C HIS A 607 23.64 -1.55 -25.73
N ARG A 608 23.41 -1.06 -26.95
CA ARG A 608 22.70 -1.82 -27.98
C ARG A 608 23.70 -2.67 -28.76
N THR A 609 24.21 -3.68 -28.07
CA THR A 609 25.18 -4.61 -28.62
C THR A 609 24.75 -6.04 -28.35
N GLY A 610 25.12 -6.94 -29.26
CA GLY A 610 24.75 -8.34 -29.13
C GLY A 610 23.52 -8.68 -29.94
N ARG A 611 22.40 -8.92 -29.26
CA ARG A 611 21.14 -9.20 -29.93
C ARG A 611 20.36 -7.94 -30.26
N TYR A 612 20.86 -6.76 -29.86
CA TYR A 612 20.20 -5.50 -30.11
C TYR A 612 20.94 -4.63 -31.12
N ALA A 613 21.96 -5.18 -31.78
CA ALA A 613 22.75 -4.40 -32.72
C ALA A 613 21.88 -3.99 -33.92
N PRO A 614 22.04 -2.77 -34.44
CA PRO A 614 21.27 -2.28 -35.59
C PRO A 614 21.55 -3.06 -36.87
#